data_9CBY
#
_entry.id   9CBY
#
_cell.length_a   1.00
_cell.length_b   1.00
_cell.length_c   1.00
_cell.angle_alpha   90.00
_cell.angle_beta   90.00
_cell.angle_gamma   90.00
#
_symmetry.space_group_name_H-M   'P 1'
#
loop_
_entity.id
_entity.type
_entity.pdbx_description
1 polymer 'RNA (387-MER)'
2 non-polymer 'MAGNESIUM ION'
3 water water
#
_entity_poly.entity_id   1
_entity_poly.type   'polyribonucleotide'
_entity_poly.pdbx_seq_one_letter_code
;GGAGGGAAAAGUUAUCAGGCAUGCACCUGGUAGCUAGUCUUUAAACCAAUAGAUUGCAUCGGUUUAAAAGGCAAGACCGU
CAAAUUGCGGGAAAGGGGUCAACAGCCGUUCAGUACCAAGUCUCAGGGGAAACUUUGAGAUGGCCUUGCAAAGGGUAUGG
UAAUAAGCUGACGGACAUGGUCCUAACCACGCAGCCAAGUCCUAAGUCAACAGAUCUUCUGUUGAUAUGGAUGCAGUUCA
CAGACUAAAUGUCGGUCGGGGAAGAUGUAUUCUUCUCAUAAGAUAUAGUCGGACCUCUCCUUAAUGGGAGCUAGCGGAUG
AAGUGAUGCAACACUGGAGCCGCUGGGAACUAAUUUGUAUGCGAAAGUAUAUUGAUUAGUUUUGGAG
;
_entity_poly.pdbx_strand_id   N
#
loop_
_chem_comp.id
_chem_comp.type
_chem_comp.name
_chem_comp.formula
A RNA linking ADENOSINE-5'-MONOPHOSPHATE 'C10 H14 N5 O7 P'
C RNA linking CYTIDINE-5'-MONOPHOSPHATE 'C9 H14 N3 O8 P'
G RNA linking GUANOSINE-5'-MONOPHOSPHATE 'C10 H14 N5 O8 P'
MG non-polymer 'MAGNESIUM ION' 'Mg 2'
U RNA linking URIDINE-5'-MONOPHOSPHATE 'C9 H13 N2 O9 P'
#
# COMPACT_ATOMS: atom_id res chain seq x y z
MG MG B . 2.52 -0.80 -3.74
MG MG C . -3.76 -9.63 16.45
MG MG D . -2.58 -14.48 16.81
MG MG E . -0.89 20.16 -8.75
MG MG F . -1.30 11.05 -11.87
MG MG G . 6.76 -4.07 -6.09
MG MG H . 1.95 11.65 -1.90
MG MG I . -1.34 -4.24 -13.47
MG MG J . 6.75 -4.47 -17.63
MG MG K . 8.71 -7.83 -5.57
MG MG L . -11.29 -7.90 14.30
MG MG M . 5.72 23.11 -7.30
MG MG N . 7.84 -2.76 -15.81
MG MG O . -11.09 -3.09 14.95
MG MG P . 10.45 -8.88 -6.84
MG MG Q . -3.94 7.72 -7.80
MG MG R . 2.20 12.20 -6.47
MG MG S . -4.88 -15.12 11.70
MG MG T . 10.31 10.41 -11.66
MG MG U . -1.63 2.14 -7.24
MG MG V . 0.36 15.77 -14.80
MG MG W . -7.34 -13.63 0.18
MG MG X . 0.50 -8.10 12.76
MG MG Y . -4.94 -11.70 30.74
MG MG Z . -13.03 -2.86 17.53
MG MG AA . 19.18 -5.67 1.95
MG MG BA . -2.38 17.69 -1.55
MG MG CA . -2.39 -19.15 21.56
MG MG DA . 5.22 13.93 -2.93
MG MG EA . 0.32 20.70 -3.15
MG MG FA . -11.52 -7.12 27.46
MG MG GA . 0.26 15.53 -7.93
MG MG HA . -6.83 15.55 -8.22
MG MG IA . 4.23 -10.78 -6.68
MG MG JA . 17.81 -1.16 -6.82
MG MG KA . 14.39 21.89 -1.34
MG MG LA . -0.24 -10.59 -8.95
MG MG MA . 5.07 11.25 5.74
MG MG NA . 6.07 16.36 0.69
MG MG OA . -5.94 -26.63 0.03
MG MG PA . -7.88 15.52 -4.36
MG MG QA . 8.89 -20.63 -11.62
MG MG RA . -11.10 1.19 20.76
MG MG SA . -4.70 11.71 -7.52
MG MG TA . 4.62 -13.14 14.39
MG MG UA . -0.43 -9.91 -1.35
MG MG VA . -5.67 -20.08 14.20
MG MG WA . 5.76 6.55 -17.45
MG MG XA . -18.18 13.08 4.89
MG MG YA . 2.62 -14.69 11.76
MG MG ZA . 10.44 -13.26 -0.54
MG MG AB . 7.44 -26.17 -13.35
MG MG BB . 0.69 1.04 -17.08
MG MG CB . -0.46 -27.40 -8.89
MG MG DB . 2.50 0.68 2.66
MG MG EB . 22.97 18.70 10.83
MG MG FB . -5.95 14.01 1.55
MG MG GB . -9.80 -17.11 5.34
MG MG HB . -2.92 1.14 0.70
MG MG IB . -11.37 9.02 -2.55
MG MG JB . -26.82 23.34 -0.68
#